data_5D63
#
_entry.id   5D63
#
_cell.length_a   121.066
_cell.length_b   121.066
_cell.length_c   99.950
_cell.angle_alpha   90.00
_cell.angle_beta   90.00
_cell.angle_gamma   120.00
#
_symmetry.space_group_name_H-M   'P 63 2 2'
#
loop_
_entity.id
_entity.type
_entity.pdbx_description
1 polymer Agglutinin
2 polymer Z-VAD-fmk
3 branched alpha-L-fucopyranose-(1-2)-[alpha-D-galactopyranose-(1-3)]beta-D-galactopyranose
4 branched alpha-L-fucopyranose-(1-2)-[alpha-D-galactopyranose-(1-3)]alpha-D-galactopyranose
5 non-polymer 1,2-ETHANEDIOL
6 non-polymer 'DIMETHYL SULFOXIDE'
7 non-polymer 'CHLORIDE ION'
8 non-polymer 'CALCIUM ION'
9 non-polymer 'SODIUM ION'
10 water water
#
loop_
_entity_poly.entity_id
_entity_poly.type
_entity_poly.pdbx_seq_one_letter_code
_entity_poly.pdbx_strand_id
1 'polypeptide(L)'
;MSLRRGIYHIENAGVPSAIDLKDGSSSDGTPIVGWQFTPDTINWHQLWLAEPIPNVADTFTLCNLFSGTYMDLYNGSSEA
GTAVNGWQGTAFTTNPHQLWTIKKSSDGTSYKIQNYGSKTFVDLVNGDSSDGAKIAGWTGTWDEGNPHQKWYFNRMSVSS
AEAQAAIARNPHIHGTYRGYILDGEYLVLPNATFTQIWKDSGLPGSKWREQIYDCDDFAIAMKAAVGKWGADSWKANGFA
IFCGVMLGVNKAGDAAHAYNFTLTKDHADIVFFEPQNGGYLNDIGYDSYMAFY
;
A
2 'polypeptide(L)' (PHQ)VAD(CF0) L
#
loop_
_chem_comp.id
_chem_comp.type
_chem_comp.name
_chem_comp.formula
CA non-polymer 'CALCIUM ION' 'Ca 2'
CF0 non-polymer fluoromethane 'C H3 F'
CL non-polymer 'CHLORIDE ION' 'Cl -1'
DMS non-polymer 'DIMETHYL SULFOXIDE' 'C2 H6 O S'
EDO non-polymer 1,2-ETHANEDIOL 'C2 H6 O2'
FUC L-saccharide, alpha linking alpha-L-fucopyranose 'C6 H12 O5'
GAL D-saccharide, beta linking beta-D-galactopyranose 'C6 H12 O6'
GLA D-saccharide, alpha linking alpha-D-galactopyranose 'C6 H12 O6'
NA non-polymer 'SODIUM ION' 'Na 1'
PHQ non-polymer 'benzyl chlorocarbonate' 'C8 H7 Cl O2'
#
# COMPACT_ATOMS: atom_id res chain seq x y z
N SER A 2 -14.11 -10.06 -6.85
CA SER A 2 -13.85 -8.67 -7.22
C SER A 2 -12.55 -8.23 -6.55
N LEU A 3 -11.71 -7.55 -7.30
CA LEU A 3 -10.59 -6.85 -6.70
C LEU A 3 -11.13 -5.88 -5.61
N ARG A 4 -10.48 -5.91 -4.46
CA ARG A 4 -10.84 -5.02 -3.34
C ARG A 4 -10.16 -3.67 -3.45
N ARG A 5 -10.84 -2.62 -2.98
CA ARG A 5 -10.19 -1.29 -2.87
C ARG A 5 -8.84 -1.49 -2.17
N GLY A 6 -7.84 -0.77 -2.63
CA GLY A 6 -6.52 -0.90 -2.03
C GLY A 6 -5.39 -0.38 -2.90
N ILE A 7 -4.20 -0.55 -2.39
CA ILE A 7 -2.95 -0.14 -3.11
C ILE A 7 -2.27 -1.40 -3.63
N TYR A 8 -1.87 -1.37 -4.91
CA TYR A 8 -1.35 -2.50 -5.61
C TYR A 8 -0.06 -2.19 -6.33
N HIS A 9 0.82 -3.19 -6.27
CA HIS A 9 2.01 -3.25 -7.13
C HIS A 9 1.64 -4.22 -8.23
N ILE A 10 1.60 -3.74 -9.50
CA ILE A 10 0.99 -4.49 -10.60
C ILE A 10 2.06 -5.04 -11.54
N GLU A 11 2.23 -6.35 -11.57
CA GLU A 11 3.36 -7.07 -12.08
C GLU A 11 2.90 -7.89 -13.33
N ASN A 12 3.59 -7.76 -14.46
CA ASN A 12 3.20 -8.55 -15.65
C ASN A 12 3.33 -10.04 -15.33
N ALA A 13 2.42 -10.85 -15.90
CA ALA A 13 2.52 -12.32 -15.64
C ALA A 13 3.60 -13.05 -16.43
N GLY A 14 4.07 -12.51 -17.56
CA GLY A 14 5.07 -13.14 -18.42
C GLY A 14 6.47 -12.81 -18.07
N VAL A 15 6.71 -11.58 -17.64
CA VAL A 15 8.03 -11.10 -17.31
C VAL A 15 7.91 -10.22 -16.06
N PRO A 16 8.99 -10.13 -15.25
CA PRO A 16 8.90 -9.43 -13.96
C PRO A 16 9.07 -7.90 -14.13
N SER A 17 8.20 -7.29 -14.91
CA SER A 17 8.06 -5.87 -15.02
C SER A 17 6.80 -5.38 -14.38
N ALA A 18 6.92 -4.33 -13.61
CA ALA A 18 5.82 -3.64 -13.04
C ALA A 18 5.32 -2.49 -13.84
N ILE A 19 4.05 -2.13 -13.62
CA ILE A 19 3.46 -0.93 -14.18
C ILE A 19 4.03 0.28 -13.48
N ASP A 20 4.77 1.13 -14.23
CA ASP A 20 5.55 2.19 -13.65
C ASP A 20 5.18 3.52 -14.37
N LEU A 21 4.89 4.53 -13.59
CA LEU A 21 4.67 5.87 -14.11
C LEU A 21 6.01 6.55 -14.21
N LYS A 22 6.43 6.82 -15.44
CA LYS A 22 7.86 7.10 -15.69
C LYS A 22 8.32 8.35 -14.91
N ASP A 23 9.42 8.20 -14.17
CA ASP A 23 9.97 9.23 -13.29
C ASP A 23 9.01 9.78 -12.25
N GLY A 24 7.94 9.06 -11.97
CA GLY A 24 6.91 9.50 -11.02
C GLY A 24 6.31 10.82 -11.44
N SER A 25 6.43 11.20 -12.69
CA SER A 25 6.01 12.56 -13.05
C SER A 25 4.53 12.86 -13.03
N SER A 26 4.16 13.99 -12.38
CA SER A 26 2.75 14.44 -12.41
CA SER A 26 2.77 14.44 -12.38
C SER A 26 2.33 15.08 -13.71
N SER A 27 3.23 15.27 -14.68
CA SER A 27 2.80 15.94 -15.98
C SER A 27 1.73 15.13 -16.67
N ASP A 28 0.75 15.82 -17.25
CA ASP A 28 -0.21 15.13 -18.10
C ASP A 28 0.50 14.50 -19.27
N GLY A 29 0.23 13.26 -19.55
CA GLY A 29 0.77 12.52 -20.69
C GLY A 29 2.11 11.81 -20.41
N THR A 30 2.46 11.69 -19.12
CA THR A 30 3.67 11.01 -18.72
C THR A 30 3.43 9.49 -19.04
N PRO A 31 4.36 8.88 -19.77
CA PRO A 31 4.16 7.48 -20.11
C PRO A 31 4.13 6.53 -18.94
N ILE A 32 3.26 5.52 -19.02
CA ILE A 32 3.23 4.39 -18.11
C ILE A 32 3.95 3.31 -18.86
N VAL A 33 4.95 2.69 -18.19
CA VAL A 33 5.84 1.78 -18.85
C VAL A 33 6.10 0.54 -18.01
N GLY A 34 6.66 -0.50 -18.62
CA GLY A 34 7.14 -1.65 -17.80
C GLY A 34 8.51 -1.35 -17.20
N TRP A 35 8.80 -1.78 -15.98
CA TRP A 35 10.09 -1.46 -15.35
C TRP A 35 10.36 -2.57 -14.30
N GLN A 36 11.61 -2.92 -14.11
CA GLN A 36 11.96 -3.85 -13.08
C GLN A 36 11.75 -3.30 -11.70
N PHE A 37 11.76 -4.17 -10.70
CA PHE A 37 11.43 -3.77 -9.34
C PHE A 37 12.21 -4.57 -8.32
N THR A 38 12.18 -4.06 -7.10
CA THR A 38 12.92 -4.75 -5.97
C THR A 38 11.89 -5.16 -4.94
N PRO A 39 11.76 -6.46 -4.68
CA PRO A 39 10.76 -6.91 -3.67
C PRO A 39 11.10 -6.40 -2.29
N ASP A 40 10.09 -6.27 -1.43
CA ASP A 40 10.32 -5.80 -0.05
C ASP A 40 10.98 -4.45 0.11
N THR A 41 10.63 -3.56 -0.85
CA THR A 41 11.00 -2.16 -0.85
C THR A 41 9.77 -1.37 -1.15
N ILE A 42 9.77 -0.08 -0.87
CA ILE A 42 8.84 0.83 -1.52
C ILE A 42 9.35 1.06 -2.95
N ASN A 43 8.54 0.64 -3.94
CA ASN A 43 8.80 0.94 -5.39
C ASN A 43 8.06 2.20 -5.74
N TRP A 44 8.76 3.33 -5.56
CA TRP A 44 8.18 4.66 -5.50
C TRP A 44 7.28 5.04 -6.67
N HIS A 45 7.57 4.58 -7.89
CA HIS A 45 6.74 4.96 -9.04
C HIS A 45 5.75 3.94 -9.49
N GLN A 46 5.59 2.85 -8.74
CA GLN A 46 4.90 1.63 -9.15
C GLN A 46 3.77 1.21 -8.21
N LEU A 47 3.23 2.14 -7.42
CA LEU A 47 2.07 1.83 -6.56
C LEU A 47 0.85 2.52 -7.06
N TRP A 48 -0.28 1.80 -7.03
CA TRP A 48 -1.52 2.25 -7.62
C TRP A 48 -2.69 1.99 -6.64
N LEU A 49 -3.43 3.08 -6.38
CA LEU A 49 -4.60 3.06 -5.50
C LEU A 49 -5.81 2.80 -6.41
N ALA A 50 -6.45 1.65 -6.18
CA ALA A 50 -7.63 1.24 -6.95
C ALA A 50 -8.89 1.64 -6.16
N GLU A 51 -9.65 2.55 -6.70
CA GLU A 51 -10.89 3.12 -6.11
CA GLU A 51 -10.89 3.07 -6.11
C GLU A 51 -12.10 2.52 -6.86
N PRO A 52 -12.89 1.64 -6.18
CA PRO A 52 -14.09 1.18 -6.87
C PRO A 52 -15.13 2.27 -7.19
N ILE A 53 -15.75 2.16 -8.39
CA ILE A 53 -16.76 3.06 -8.81
C ILE A 53 -18.07 2.50 -8.34
N PRO A 54 -18.90 3.43 -7.80
N PRO A 54 -18.75 3.10 -7.34
CA PRO A 54 -20.22 3.10 -7.29
CA PRO A 54 -19.83 2.28 -6.74
C PRO A 54 -21.11 2.67 -8.44
C PRO A 54 -20.89 1.69 -7.68
N ASN A 55 -21.60 1.45 -8.28
N ASN A 55 -21.26 2.42 -8.74
CA ASN A 55 -22.66 0.83 -9.03
CA ASN A 55 -22.38 2.07 -9.63
C ASN A 55 -22.21 0.37 -10.37
C ASN A 55 -22.03 1.25 -10.87
N VAL A 56 -20.89 0.33 -10.57
N VAL A 56 -20.78 0.83 -10.99
CA VAL A 56 -20.35 0.00 -11.89
CA VAL A 56 -20.30 0.07 -12.15
C VAL A 56 -19.45 -1.18 -11.70
C VAL A 56 -19.51 -1.15 -11.66
N ALA A 57 -19.98 -2.38 -11.91
CA ALA A 57 -19.35 -3.58 -11.43
C ALA A 57 -17.85 -3.70 -11.95
N ASP A 58 -16.98 -4.07 -11.02
CA ASP A 58 -15.60 -4.41 -11.25
C ASP A 58 -14.82 -3.31 -11.93
N THR A 59 -15.21 -2.05 -11.71
CA THR A 59 -14.66 -0.89 -12.42
C THR A 59 -14.11 0.12 -11.40
N PHE A 60 -12.88 0.63 -11.74
CA PHE A 60 -12.07 1.39 -10.89
C PHE A 60 -11.39 2.54 -11.56
N THR A 61 -10.94 3.55 -10.76
CA THR A 61 -9.86 4.44 -11.19
C THR A 61 -8.59 3.84 -10.56
N LEU A 62 -7.47 4.11 -11.21
CA LEU A 62 -6.16 3.72 -10.76
C LEU A 62 -5.29 4.97 -10.65
N CYS A 63 -4.97 5.33 -9.38
CA CYS A 63 -4.26 6.55 -9.05
C CYS A 63 -2.84 6.24 -8.63
N ASN A 64 -1.83 6.79 -9.33
CA ASN A 64 -0.50 6.54 -8.88
C ASN A 64 -0.23 7.21 -7.50
N LEU A 65 0.31 6.42 -6.55
CA LEU A 65 0.35 6.86 -5.19
C LEU A 65 1.29 8.06 -5.01
N PHE A 66 2.38 8.04 -5.76
CA PHE A 66 3.40 9.11 -5.75
C PHE A 66 2.95 10.36 -6.48
N SER A 67 2.44 10.26 -7.70
CA SER A 67 2.12 11.46 -8.50
C SER A 67 0.73 12.04 -8.19
N GLY A 68 -0.19 11.18 -7.71
CA GLY A 68 -1.53 11.63 -7.61
C GLY A 68 -2.34 11.68 -8.92
N THR A 69 -1.72 11.25 -10.04
CA THR A 69 -2.37 11.26 -11.36
C THR A 69 -2.81 9.88 -11.74
N TYR A 70 -3.69 9.81 -12.73
CA TYR A 70 -4.50 8.62 -12.98
C TYR A 70 -4.03 7.91 -14.26
N MET A 71 -4.18 6.59 -14.26
CA MET A 71 -3.99 5.84 -15.50
C MET A 71 -5.03 6.20 -16.49
N ASP A 72 -4.59 6.61 -17.68
CA ASP A 72 -5.46 7.28 -18.71
C ASP A 72 -5.14 6.72 -20.10
N LEU A 73 -6.14 6.20 -20.80
CA LEU A 73 -5.97 5.73 -22.17
C LEU A 73 -6.15 6.93 -23.09
N TYR A 74 -5.16 7.24 -23.88
CA TYR A 74 -5.03 8.53 -24.54
C TYR A 74 -6.19 8.71 -25.56
N ASN A 75 -6.97 9.74 -25.30
CA ASN A 75 -8.17 10.07 -26.04
C ASN A 75 -9.15 8.95 -26.18
N GLY A 76 -9.06 7.96 -25.27
CA GLY A 76 -9.95 6.81 -25.25
C GLY A 76 -9.99 5.93 -26.51
N SER A 77 -8.99 6.05 -27.33
CA SER A 77 -8.95 5.32 -28.60
C SER A 77 -8.93 3.82 -28.38
N SER A 78 -9.78 3.14 -29.17
CA SER A 78 -9.76 1.66 -29.28
C SER A 78 -8.71 1.11 -30.27
N GLU A 79 -7.86 1.94 -30.89
CA GLU A 79 -6.80 1.48 -31.75
C GLU A 79 -5.75 0.73 -30.87
N ALA A 80 -5.28 -0.41 -31.39
CA ALA A 80 -4.21 -1.17 -30.72
C ALA A 80 -3.00 -0.33 -30.77
N GLY A 81 -2.28 -0.25 -29.65
CA GLY A 81 -1.09 0.62 -29.56
C GLY A 81 -1.28 1.99 -28.96
N THR A 82 -2.50 2.31 -28.59
CA THR A 82 -2.85 3.60 -28.01
C THR A 82 -2.11 3.76 -26.68
N ALA A 83 -1.45 4.93 -26.50
CA ALA A 83 -0.70 5.21 -25.26
C ALA A 83 -1.52 5.11 -23.98
N VAL A 84 -0.93 4.49 -22.93
CA VAL A 84 -1.43 4.57 -21.56
C VAL A 84 -0.47 5.47 -20.82
N ASN A 85 -1.02 6.50 -20.21
CA ASN A 85 -0.24 7.59 -19.60
C ASN A 85 -0.89 7.99 -18.22
N GLY A 86 -0.08 8.68 -17.38
CA GLY A 86 -0.63 9.36 -16.24
C GLY A 86 -1.26 10.67 -16.64
N TRP A 87 -2.42 10.99 -16.05
CA TRP A 87 -3.17 12.24 -16.39
C TRP A 87 -3.97 12.72 -15.24
N GLN A 88 -4.12 14.05 -15.11
CA GLN A 88 -4.88 14.58 -13.98
C GLN A 88 -6.32 14.01 -14.05
N GLY A 89 -6.90 13.79 -12.88
CA GLY A 89 -8.30 13.36 -12.76
C GLY A 89 -8.78 13.37 -11.34
N THR A 90 -9.82 12.57 -11.07
CA THR A 90 -10.44 12.45 -9.74
C THR A 90 -10.90 11.02 -9.49
N ALA A 91 -11.06 10.70 -8.21
CA ALA A 91 -11.15 9.30 -7.80
C ALA A 91 -12.43 8.65 -8.36
N PHE A 92 -13.46 9.47 -8.52
CA PHE A 92 -14.79 8.96 -8.98
C PHE A 92 -15.25 9.57 -10.30
N THR A 93 -14.30 9.84 -11.16
CA THR A 93 -14.53 10.47 -12.45
C THR A 93 -15.50 9.66 -13.30
N THR A 94 -16.26 10.38 -14.14
CA THR A 94 -17.03 9.75 -15.17
C THR A 94 -16.23 9.71 -16.50
N ASN A 95 -14.99 10.20 -16.55
CA ASN A 95 -14.18 10.14 -17.77
C ASN A 95 -13.79 8.71 -18.09
N PRO A 96 -14.33 8.14 -19.18
CA PRO A 96 -14.03 6.73 -19.42
C PRO A 96 -12.52 6.44 -19.75
N HIS A 97 -11.81 7.45 -20.14
CA HIS A 97 -10.37 7.29 -20.44
C HIS A 97 -9.65 6.82 -19.16
N GLN A 98 -10.24 7.09 -17.95
CA GLN A 98 -9.61 6.83 -16.69
C GLN A 98 -10.34 5.71 -15.90
N LEU A 99 -11.29 4.97 -16.55
CA LEU A 99 -12.02 3.96 -15.88
C LEU A 99 -11.64 2.61 -16.44
N TRP A 100 -11.41 1.68 -15.55
CA TRP A 100 -10.80 0.37 -15.85
C TRP A 100 -11.57 -0.72 -15.16
N THR A 101 -12.03 -1.67 -15.96
CA THR A 101 -12.68 -2.89 -15.48
C THR A 101 -11.56 -3.98 -15.27
N ILE A 102 -11.45 -4.48 -14.05
CA ILE A 102 -10.34 -5.31 -13.63
C ILE A 102 -10.95 -6.61 -13.11
N LYS A 103 -10.72 -7.71 -13.82
CA LYS A 103 -11.28 -9.02 -13.45
C LYS A 103 -10.27 -10.10 -13.70
N LYS A 104 -10.40 -11.21 -13.01
CA LYS A 104 -9.47 -12.30 -13.15
C LYS A 104 -9.41 -12.84 -14.55
N SER A 105 -8.19 -13.13 -14.94
CA SER A 105 -7.92 -13.76 -16.24
C SER A 105 -8.30 -15.26 -16.19
N SER A 106 -8.11 -15.96 -17.30
CA SER A 106 -8.35 -17.40 -17.31
C SER A 106 -7.37 -18.23 -16.52
N ASP A 107 -6.25 -17.70 -16.00
CA ASP A 107 -5.44 -18.44 -15.05
C ASP A 107 -5.99 -18.39 -13.58
N GLY A 108 -7.00 -17.60 -13.32
CA GLY A 108 -7.66 -17.43 -12.04
C GLY A 108 -6.86 -16.73 -10.95
N THR A 109 -5.64 -16.24 -11.29
CA THR A 109 -4.77 -15.58 -10.33
CA THR A 109 -4.82 -15.54 -10.31
C THR A 109 -4.42 -14.16 -10.77
N SER A 110 -3.94 -14.05 -12.03
CA SER A 110 -3.66 -12.74 -12.60
C SER A 110 -4.96 -12.10 -13.09
N TYR A 111 -4.95 -10.80 -13.37
CA TYR A 111 -6.07 -10.05 -13.82
C TYR A 111 -5.84 -9.50 -15.24
N LYS A 112 -6.92 -9.23 -15.94
CA LYS A 112 -6.84 -8.35 -17.09
C LYS A 112 -7.45 -6.98 -16.77
N ILE A 113 -6.94 -5.93 -17.44
CA ILE A 113 -7.31 -4.58 -17.16
C ILE A 113 -7.88 -3.96 -18.43
N GLN A 114 -9.19 -3.73 -18.46
CA GLN A 114 -9.88 -3.26 -19.64
C GLN A 114 -10.36 -1.86 -19.48
N ASN A 115 -10.08 -1.00 -20.46
CA ASN A 115 -10.63 0.33 -20.45
C ASN A 115 -12.15 0.29 -20.64
N TYR A 116 -12.85 1.02 -19.79
CA TYR A 116 -14.32 0.94 -19.74
C TYR A 116 -14.92 1.56 -21.01
N GLY A 117 -14.35 2.62 -21.54
CA GLY A 117 -14.80 3.21 -22.82
C GLY A 117 -14.41 2.42 -24.04
N SER A 118 -13.15 2.06 -24.19
CA SER A 118 -12.69 1.43 -25.46
C SER A 118 -12.89 -0.08 -25.56
N LYS A 119 -12.97 -0.74 -24.41
CA LYS A 119 -13.00 -2.15 -24.33
C LYS A 119 -11.67 -2.80 -24.72
N THR A 120 -10.58 -2.02 -24.86
CA THR A 120 -9.27 -2.62 -25.06
C THR A 120 -8.53 -2.85 -23.74
N PHE A 121 -7.45 -3.64 -23.78
CA PHE A 121 -6.79 -4.12 -22.61
C PHE A 121 -5.41 -3.51 -22.47
N VAL A 122 -5.02 -3.29 -21.21
CA VAL A 122 -3.62 -2.90 -20.90
C VAL A 122 -2.62 -3.95 -21.28
N ASP A 123 -1.64 -3.62 -22.12
CA ASP A 123 -0.81 -4.61 -22.81
C ASP A 123 0.65 -4.18 -22.70
N LEU A 124 1.52 -5.06 -22.15
CA LEU A 124 2.99 -4.85 -22.17
C LEU A 124 3.47 -5.24 -23.58
N VAL A 125 3.71 -4.24 -24.43
CA VAL A 125 3.88 -4.48 -25.87
C VAL A 125 5.04 -5.44 -26.15
N ASN A 126 4.72 -6.54 -26.85
CA ASN A 126 5.66 -7.59 -27.20
CA ASN A 126 5.65 -7.56 -27.25
C ASN A 126 6.20 -8.32 -26.01
N GLY A 127 5.62 -8.14 -24.84
CA GLY A 127 6.20 -8.84 -23.72
C GLY A 127 7.60 -8.35 -23.39
N ASP A 128 7.86 -7.10 -23.72
CA ASP A 128 9.26 -6.62 -23.60
C ASP A 128 9.57 -6.37 -22.15
N SER A 129 10.62 -6.99 -21.64
CA SER A 129 10.99 -6.98 -20.22
C SER A 129 11.96 -5.80 -19.92
N SER A 130 12.31 -5.04 -20.94
CA SER A 130 13.29 -3.97 -20.69
CA SER A 130 13.21 -3.89 -20.81
C SER A 130 12.65 -2.77 -19.92
N ASP A 131 13.53 -2.07 -19.22
CA ASP A 131 13.06 -0.94 -18.45
C ASP A 131 12.64 0.17 -19.41
N GLY A 132 11.43 0.65 -19.27
CA GLY A 132 10.87 1.66 -20.10
C GLY A 132 10.04 1.17 -21.27
N ALA A 133 9.79 -0.11 -21.30
CA ALA A 133 8.96 -0.71 -22.39
C ALA A 133 7.57 -0.10 -22.44
N LYS A 134 7.09 0.14 -23.65
CA LYS A 134 5.75 0.68 -23.83
C LYS A 134 4.61 -0.22 -23.29
N ILE A 135 3.70 0.39 -22.57
CA ILE A 135 2.39 -0.20 -22.22
C ILE A 135 1.36 0.59 -23.04
N ALA A 136 0.44 -0.16 -23.67
CA ALA A 136 -0.57 0.42 -24.55
C ALA A 136 -1.91 -0.28 -24.33
N GLY A 137 -2.94 0.37 -24.80
CA GLY A 137 -4.20 -0.28 -24.96
C GLY A 137 -4.19 -1.14 -26.25
N TRP A 138 -4.78 -2.34 -26.17
CA TRP A 138 -4.72 -3.27 -27.27
C TRP A 138 -5.96 -4.17 -27.35
N THR A 139 -6.29 -4.63 -28.54
CA THR A 139 -7.37 -5.56 -28.74
C THR A 139 -7.05 -6.82 -28.00
N GLY A 140 -8.11 -7.46 -27.53
CA GLY A 140 -7.93 -8.69 -26.76
C GLY A 140 -9.26 -9.31 -26.35
N THR A 141 -9.15 -10.40 -25.62
CA THR A 141 -10.33 -11.07 -25.04
C THR A 141 -10.17 -11.31 -23.58
N TRP A 142 -11.31 -11.48 -22.86
CA TRP A 142 -11.21 -11.78 -21.42
C TRP A 142 -10.59 -13.09 -21.08
N ASP A 143 -10.75 -14.10 -21.94
CA ASP A 143 -10.36 -15.50 -21.63
C ASP A 143 -9.02 -16.02 -22.17
N GLU A 144 -8.41 -15.31 -23.11
CA GLU A 144 -7.18 -15.81 -23.75
C GLU A 144 -5.99 -15.84 -22.82
N GLY A 145 -4.98 -16.60 -23.17
CA GLY A 145 -3.87 -16.80 -22.34
C GLY A 145 -2.79 -15.73 -22.38
N ASN A 146 -2.75 -14.93 -23.45
CA ASN A 146 -1.67 -13.96 -23.81
C ASN A 146 -1.13 -13.25 -22.57
N PRO A 147 0.06 -13.57 -22.17
CA PRO A 147 0.67 -12.96 -20.97
C PRO A 147 0.99 -11.46 -21.04
N HIS A 148 0.99 -10.91 -22.28
CA HIS A 148 1.18 -9.47 -22.49
C HIS A 148 0.10 -8.62 -21.84
N GLN A 149 -1.07 -9.24 -21.63
CA GLN A 149 -2.27 -8.57 -21.16
C GLN A 149 -2.71 -9.13 -19.75
N LYS A 150 -1.86 -9.89 -19.11
CA LYS A 150 -2.09 -10.42 -17.77
C LYS A 150 -1.19 -9.80 -16.69
N TRP A 151 -1.77 -9.50 -15.53
CA TRP A 151 -1.20 -8.64 -14.49
C TRP A 151 -1.56 -9.18 -13.08
N TYR A 152 -0.52 -9.46 -12.30
CA TYR A 152 -0.69 -9.82 -10.89
C TYR A 152 -0.88 -8.51 -10.12
N PHE A 153 -1.96 -8.46 -9.34
CA PHE A 153 -2.24 -7.29 -8.49
C PHE A 153 -1.73 -7.71 -7.09
N ASN A 154 -0.52 -7.31 -6.76
CA ASN A 154 0.11 -7.63 -5.50
C ASN A 154 -0.29 -6.59 -4.47
N ARG A 155 -1.07 -7.00 -3.48
CA ARG A 155 -1.70 -6.10 -2.55
C ARG A 155 -0.70 -5.61 -1.48
N MET A 156 -0.55 -4.27 -1.40
CA MET A 156 0.44 -3.66 -0.52
CA MET A 156 0.43 -3.62 -0.53
C MET A 156 -0.21 -2.88 0.63
N SER A 157 -1.53 -2.90 0.72
CA SER A 157 -2.27 -2.30 1.82
C SER A 157 -3.17 -3.30 2.54
N VAL A 158 -3.58 -2.90 3.74
CA VAL A 158 -4.61 -3.60 4.52
C VAL A 158 -5.79 -2.70 4.78
N SER A 159 -7.03 -3.24 4.76
CA SER A 159 -8.09 -2.51 5.36
C SER A 159 -7.97 -2.45 6.88
N SER A 160 -8.73 -1.58 7.50
CA SER A 160 -8.80 -1.60 8.96
C SER A 160 -9.27 -2.98 9.51
N ALA A 161 -10.20 -3.65 8.82
CA ALA A 161 -10.72 -4.97 9.26
C ALA A 161 -9.61 -5.98 9.23
N GLU A 162 -8.75 -5.92 8.18
CA GLU A 162 -7.59 -6.77 8.12
CA GLU A 162 -7.57 -6.79 8.11
C GLU A 162 -6.54 -6.57 9.20
N ALA A 163 -6.26 -5.30 9.55
CA ALA A 163 -5.32 -4.98 10.64
C ALA A 163 -5.86 -5.50 11.97
N GLN A 164 -7.18 -5.32 12.14
CA GLN A 164 -7.84 -5.75 13.39
C GLN A 164 -7.74 -7.24 13.50
N ALA A 165 -7.86 -7.95 12.39
CA ALA A 165 -7.70 -9.41 12.41
C ALA A 165 -6.30 -9.89 12.78
N ALA A 166 -5.29 -9.20 12.25
CA ALA A 166 -3.91 -9.57 12.57
C ALA A 166 -3.59 -9.36 14.07
N ILE A 167 -4.15 -8.31 14.64
CA ILE A 167 -3.95 -8.01 16.07
C ILE A 167 -4.68 -9.13 16.87
N ALA A 168 -5.91 -9.44 16.53
CA ALA A 168 -6.72 -10.45 17.26
C ALA A 168 -6.16 -11.83 17.24
N ARG A 169 -5.30 -12.15 16.28
CA ARG A 169 -4.65 -13.44 16.31
C ARG A 169 -3.36 -13.45 17.06
N ASN A 170 -2.96 -12.33 17.65
CA ASN A 170 -1.68 -12.31 18.28
C ASN A 170 -1.79 -12.95 19.66
N PRO A 171 -0.74 -13.58 20.16
CA PRO A 171 -0.97 -14.20 21.51
C PRO A 171 -0.76 -13.22 22.67
N HIS A 172 -0.29 -12.00 22.41
CA HIS A 172 0.16 -11.07 23.50
C HIS A 172 -0.81 -9.93 23.68
N ILE A 173 -2.08 -10.27 23.73
CA ILE A 173 -3.15 -9.33 23.83
C ILE A 173 -3.82 -9.46 25.23
N HIS A 174 -3.93 -8.39 25.99
CA HIS A 174 -4.49 -8.47 27.36
C HIS A 174 -5.97 -8.71 27.28
N GLY A 175 -6.50 -9.34 28.35
CA GLY A 175 -7.93 -9.57 28.43
C GLY A 175 -8.80 -8.33 28.33
N THR A 176 -8.28 -7.17 28.76
CA THR A 176 -9.06 -5.96 28.79
C THR A 176 -8.86 -5.10 27.54
N TYR A 177 -8.16 -5.65 26.56
CA TYR A 177 -7.75 -4.91 25.33
C TYR A 177 -8.90 -4.16 24.69
N ARG A 178 -8.67 -2.89 24.31
CA ARG A 178 -9.52 -2.17 23.42
C ARG A 178 -8.73 -1.53 22.31
N GLY A 179 -9.20 -1.58 21.08
CA GLY A 179 -8.42 -0.95 19.97
C GLY A 179 -9.21 0.13 19.36
N TYR A 180 -8.51 1.17 18.94
CA TYR A 180 -9.12 2.38 18.40
C TYR A 180 -8.59 2.59 16.99
N ILE A 181 -9.50 2.47 16.05
CA ILE A 181 -9.27 2.52 14.61
C ILE A 181 -9.40 3.96 14.11
N LEU A 182 -8.37 4.47 13.39
CA LEU A 182 -8.38 5.84 12.99
C LEU A 182 -8.63 6.11 11.49
N ASP A 183 -8.33 5.15 10.60
CA ASP A 183 -8.47 5.31 9.18
C ASP A 183 -9.01 3.98 8.58
N GLY A 184 -9.12 3.86 7.27
CA GLY A 184 -9.74 2.74 6.61
C GLY A 184 -8.90 1.86 5.80
N GLU A 185 -7.79 2.38 5.18
CA GLU A 185 -6.94 1.56 4.35
C GLU A 185 -5.48 2.03 4.50
N TYR A 186 -4.59 1.09 4.71
CA TYR A 186 -3.23 1.37 5.15
C TYR A 186 -2.20 0.73 4.28
N LEU A 187 -1.26 1.57 3.80
CA LEU A 187 0.01 1.07 3.18
C LEU A 187 0.83 0.36 4.29
N VAL A 188 1.21 -0.91 4.08
CA VAL A 188 2.04 -1.63 4.99
C VAL A 188 3.46 -1.39 4.55
N LEU A 189 4.33 -0.98 5.46
CA LEU A 189 5.69 -0.70 5.13
C LEU A 189 6.56 -1.94 5.28
N PRO A 190 7.53 -2.15 4.38
CA PRO A 190 8.65 -3.03 4.75
C PRO A 190 9.34 -2.57 6.00
N ASN A 191 9.85 -3.46 6.83
CA ASN A 191 10.64 -3.05 7.95
C ASN A 191 11.79 -2.09 7.56
N ALA A 192 12.39 -2.34 6.40
CA ALA A 192 13.48 -1.40 6.00
C ALA A 192 13.03 0.03 5.97
N THR A 193 11.81 0.28 5.52
CA THR A 193 11.29 1.61 5.42
C THR A 193 10.83 2.13 6.76
N PHE A 194 10.10 1.28 7.54
CA PHE A 194 9.70 1.65 8.90
C PHE A 194 10.95 2.12 9.73
N THR A 195 12.04 1.35 9.64
CA THR A 195 13.29 1.68 10.29
C THR A 195 13.81 3.04 9.79
N GLN A 196 13.69 3.25 8.50
CA GLN A 196 14.35 4.48 7.93
C GLN A 196 13.59 5.71 8.49
N ILE A 197 12.28 5.60 8.58
CA ILE A 197 11.48 6.66 9.18
C ILE A 197 11.86 6.89 10.62
N TRP A 198 12.03 5.81 11.38
CA TRP A 198 12.54 5.95 12.76
C TRP A 198 13.85 6.72 12.79
N LYS A 199 14.77 6.32 11.97
CA LYS A 199 16.11 7.00 11.96
C LYS A 199 15.96 8.46 11.62
N ASP A 200 15.14 8.72 10.64
CA ASP A 200 15.07 10.10 10.13
C ASP A 200 14.25 11.01 11.11
N SER A 201 13.48 10.41 12.02
CA SER A 201 12.69 11.15 13.01
C SER A 201 13.52 11.82 14.14
N GLY A 202 14.74 11.34 14.32
CA GLY A 202 15.64 11.79 15.40
C GLY A 202 15.50 10.96 16.69
N LEU A 203 14.51 10.06 16.72
CA LEU A 203 14.33 9.23 17.88
C LEU A 203 15.53 8.40 18.31
N PRO A 204 16.37 7.90 17.32
CA PRO A 204 17.52 7.11 17.81
C PRO A 204 18.42 7.88 18.83
N GLY A 205 18.46 9.17 18.67
CA GLY A 205 19.26 10.05 19.55
C GLY A 205 18.55 10.53 20.83
N SER A 206 17.26 10.23 20.98
CA SER A 206 16.51 10.74 22.13
C SER A 206 16.84 9.95 23.38
N LYS A 207 16.97 10.63 24.50
CA LYS A 207 17.27 9.97 25.78
C LYS A 207 16.00 9.78 26.58
N TRP A 208 15.88 8.60 27.20
CA TRP A 208 14.73 8.34 28.09
C TRP A 208 14.85 9.21 29.34
N ARG A 209 13.78 9.87 29.69
CA ARG A 209 13.70 10.76 30.86
C ARG A 209 12.37 10.53 31.55
N GLU A 210 12.42 10.37 32.90
CA GLU A 210 11.24 10.04 33.70
CA GLU A 210 11.23 10.03 33.68
C GLU A 210 10.10 11.03 33.41
N GLN A 211 8.99 10.51 32.95
CA GLN A 211 7.78 11.21 32.55
C GLN A 211 7.88 12.20 31.37
N ILE A 212 8.94 13.02 31.34
CA ILE A 212 9.05 14.12 30.34
C ILE A 212 9.46 13.62 28.95
N TYR A 213 10.17 12.51 28.88
CA TYR A 213 10.37 11.85 27.57
C TYR A 213 10.61 10.34 27.75
N ASP A 214 9.52 9.71 28.17
CA ASP A 214 9.57 8.29 28.53
C ASP A 214 8.84 7.47 27.46
N CYS A 215 8.45 6.23 27.77
CA CYS A 215 8.08 5.32 26.66
C CYS A 215 6.91 5.86 25.86
N ASP A 216 5.90 6.46 26.50
CA ASP A 216 4.78 7.00 25.78
C ASP A 216 5.19 8.07 24.78
N ASP A 217 6.15 8.92 25.20
CA ASP A 217 6.62 9.95 24.27
C ASP A 217 7.32 9.36 23.02
N PHE A 218 8.18 8.39 23.21
CA PHE A 218 8.80 7.69 22.07
C PHE A 218 7.79 7.08 21.11
N ALA A 219 6.81 6.37 21.67
CA ALA A 219 5.81 5.76 20.81
C ALA A 219 4.93 6.69 20.04
N ILE A 220 4.50 7.79 20.63
CA ILE A 220 3.65 8.75 19.99
C ILE A 220 4.51 9.51 19.00
N ALA A 221 5.77 9.76 19.31
CA ALA A 221 6.61 10.50 18.35
C ALA A 221 6.79 9.65 17.07
N MET A 222 6.97 8.36 17.24
CA MET A 222 7.14 7.43 16.08
C MET A 222 5.90 7.46 15.21
N LYS A 223 4.74 7.34 15.83
CA LYS A 223 3.54 7.42 15.06
C LYS A 223 3.37 8.74 14.32
N ALA A 224 3.66 9.83 14.99
CA ALA A 224 3.61 11.11 14.33
C ALA A 224 4.59 11.22 13.17
N ALA A 225 5.75 10.63 13.36
CA ALA A 225 6.82 10.68 12.30
C ALA A 225 6.33 9.90 11.08
N VAL A 226 5.65 8.75 11.29
CA VAL A 226 5.20 7.96 10.18
C VAL A 226 4.05 8.67 9.47
N GLY A 227 3.18 9.37 10.23
CA GLY A 227 2.07 10.18 9.65
C GLY A 227 2.63 11.37 8.80
N LYS A 228 3.66 12.04 9.29
CA LYS A 228 4.31 13.14 8.55
C LYS A 228 4.91 12.59 7.29
N TRP A 229 5.68 11.51 7.42
CA TRP A 229 6.25 10.83 6.25
C TRP A 229 5.19 10.54 5.16
N GLY A 230 4.03 10.01 5.57
CA GLY A 230 3.03 9.71 4.60
C GLY A 230 2.60 10.89 3.75
N ALA A 231 2.26 11.96 4.46
CA ALA A 231 1.77 13.14 3.76
C ALA A 231 2.86 13.78 2.93
N ASP A 232 4.09 13.74 3.46
CA ASP A 232 5.18 14.42 2.71
C ASP A 232 5.72 13.63 1.53
N SER A 233 5.42 12.35 1.45
CA SER A 233 5.97 11.42 0.47
C SER A 233 5.08 11.12 -0.71
N TRP A 234 3.74 11.17 -0.54
CA TRP A 234 2.74 10.73 -1.50
C TRP A 234 1.77 11.83 -1.83
N LYS A 235 1.40 11.94 -3.12
CA LYS A 235 0.46 12.96 -3.56
C LYS A 235 -0.96 12.45 -3.64
N ALA A 236 -1.19 11.12 -3.73
CA ALA A 236 -2.56 10.57 -3.76
C ALA A 236 -3.15 10.78 -2.35
N ASN A 237 -4.50 10.82 -2.28
CA ASN A 237 -5.29 10.80 -1.03
C ASN A 237 -6.11 9.50 -0.90
N GLY A 238 -6.78 9.30 0.24
CA GLY A 238 -7.66 8.16 0.45
C GLY A 238 -7.07 6.88 1.05
N PHE A 239 -5.92 7.01 1.75
CA PHE A 239 -5.24 5.93 2.43
C PHE A 239 -4.36 6.54 3.51
N ALA A 240 -3.93 5.71 4.45
CA ALA A 240 -2.99 6.09 5.45
C ALA A 240 -1.80 5.14 5.46
N ILE A 241 -0.80 5.44 6.27
CA ILE A 241 0.32 4.54 6.45
C ILE A 241 0.22 3.72 7.79
N PHE A 242 0.45 2.43 7.72
CA PHE A 242 0.27 1.60 8.93
C PHE A 242 1.41 1.82 9.96
N CYS A 243 1.04 2.32 11.14
CA CYS A 243 1.93 2.38 12.27
C CYS A 243 1.09 2.47 13.56
N GLY A 244 1.12 1.45 14.38
CA GLY A 244 0.28 1.53 15.59
C GLY A 244 1.04 1.91 16.83
N VAL A 245 0.29 2.39 17.81
CA VAL A 245 0.74 2.52 19.17
C VAL A 245 -0.03 1.56 20.05
N MET A 246 0.70 0.97 20.95
CA MET A 246 0.12 0.08 22.00
C MET A 246 0.59 0.51 23.39
N LEU A 247 -0.30 0.38 24.34
CA LEU A 247 0.01 0.31 25.77
C LEU A 247 -0.16 -1.13 26.24
N GLY A 248 0.74 -1.58 27.04
CA GLY A 248 0.71 -2.98 27.55
C GLY A 248 1.19 -3.12 28.96
N VAL A 249 0.90 -4.31 29.53
CA VAL A 249 1.22 -4.61 30.90
C VAL A 249 1.91 -5.96 30.94
N ASN A 250 2.86 -6.10 31.85
CA ASN A 250 3.60 -7.33 31.92
C ASN A 250 2.77 -8.44 32.60
N LYS A 251 3.35 -9.64 32.59
CA LYS A 251 2.67 -10.80 33.15
C LYS A 251 2.38 -10.64 34.62
N ALA A 252 3.31 -10.03 35.34
CA ALA A 252 3.12 -9.88 36.80
C ALA A 252 2.11 -8.79 37.16
N GLY A 253 1.70 -7.97 36.20
CA GLY A 253 0.74 -7.00 36.49
C GLY A 253 1.33 -5.81 37.17
N ASP A 254 2.65 -5.64 37.20
CA ASP A 254 3.13 -4.51 37.95
C ASP A 254 4.01 -3.54 37.16
N ALA A 255 4.04 -3.59 35.82
CA ALA A 255 4.83 -2.64 35.03
C ALA A 255 4.09 -2.50 33.72
N ALA A 256 4.02 -1.28 33.21
CA ALA A 256 3.42 -1.02 31.88
C ALA A 256 4.41 -0.31 30.95
N HIS A 257 4.10 -0.45 29.67
CA HIS A 257 5.01 -0.03 28.60
C HIS A 257 4.21 0.46 27.42
N ALA A 258 4.79 1.39 26.71
CA ALA A 258 4.23 1.98 25.49
C ALA A 258 5.22 1.76 24.33
N TYR A 259 4.69 1.27 23.21
CA TYR A 259 5.56 0.78 22.07
C TYR A 259 4.75 0.90 20.80
N ASN A 260 5.33 0.51 19.68
CA ASN A 260 4.68 0.59 18.40
C ASN A 260 4.45 -0.83 17.84
N PHE A 261 3.75 -0.92 16.73
CA PHE A 261 3.60 -2.17 15.99
C PHE A 261 3.36 -1.92 14.49
N THR A 262 3.77 -2.93 13.74
CA THR A 262 3.64 -3.01 12.33
C THR A 262 3.04 -4.38 11.97
N LEU A 263 3.05 -4.71 10.67
CA LEU A 263 2.51 -5.93 10.14
CA LEU A 263 2.50 -5.95 10.17
C LEU A 263 3.57 -6.70 9.41
N THR A 264 3.43 -8.03 9.48
CA THR A 264 4.27 -8.93 8.65
C THR A 264 4.05 -8.68 7.15
N LYS A 265 5.05 -9.15 6.40
CA LYS A 265 4.98 -9.15 4.98
C LYS A 265 3.72 -9.78 4.37
N ASP A 266 3.20 -10.87 4.97
CA ASP A 266 2.05 -11.56 4.45
C ASP A 266 0.77 -10.92 4.97
N HIS A 267 0.93 -9.86 5.77
CA HIS A 267 -0.20 -9.06 6.30
C HIS A 267 -1.07 -9.79 7.35
N ALA A 268 -0.65 -10.94 7.78
CA ALA A 268 -1.51 -11.76 8.66
C ALA A 268 -1.24 -11.60 10.16
N ASP A 269 -0.13 -11.01 10.54
CA ASP A 269 0.31 -10.92 11.93
C ASP A 269 0.92 -9.59 12.25
N ILE A 270 0.92 -9.23 13.51
CA ILE A 270 1.60 -7.98 13.88
C ILE A 270 2.99 -8.34 14.41
N VAL A 271 3.87 -7.32 14.39
CA VAL A 271 5.21 -7.41 14.96
C VAL A 271 5.44 -6.13 15.77
N PHE A 272 5.96 -6.27 16.97
CA PHE A 272 6.15 -5.12 17.84
C PHE A 272 7.46 -4.40 17.49
N PHE A 273 7.48 -3.10 17.70
CA PHE A 273 8.65 -2.24 17.44
C PHE A 273 8.96 -1.45 18.70
N GLU A 274 10.20 -1.47 19.14
CA GLU A 274 10.63 -0.70 20.26
C GLU A 274 11.24 0.63 19.85
N PRO A 275 10.48 1.74 19.96
CA PRO A 275 11.02 2.99 19.48
C PRO A 275 12.22 3.56 20.28
N GLN A 276 12.53 3.00 21.44
CA GLN A 276 13.69 3.44 22.14
C GLN A 276 14.96 2.83 21.52
N ASN A 277 14.86 1.77 20.71
CA ASN A 277 16.11 1.21 20.16
C ASN A 277 16.03 0.64 18.74
N GLY A 278 14.85 0.63 18.11
CA GLY A 278 14.72 0.24 16.73
C GLY A 278 14.50 -1.22 16.56
N GLY A 279 14.40 -1.97 17.65
CA GLY A 279 14.26 -3.41 17.54
C GLY A 279 12.82 -3.85 17.16
N TYR A 280 12.71 -4.99 16.46
CA TYR A 280 11.48 -5.66 16.10
C TYR A 280 11.41 -6.91 16.93
N LEU A 281 10.25 -7.15 17.54
CA LEU A 281 10.12 -8.29 18.47
CA LEU A 281 10.13 -8.30 18.46
C LEU A 281 8.80 -8.98 18.21
N ASN A 282 8.80 -10.34 18.18
CA ASN A 282 7.50 -11.08 18.21
C ASN A 282 6.88 -11.15 19.62
N ASP A 283 7.69 -10.90 20.61
CA ASP A 283 7.25 -10.82 22.06
C ASP A 283 8.01 -9.73 22.74
N ILE A 284 7.33 -8.60 23.07
CA ILE A 284 8.00 -7.48 23.72
C ILE A 284 8.01 -7.54 25.25
N GLY A 285 7.35 -8.58 25.81
CA GLY A 285 7.30 -8.75 27.27
C GLY A 285 6.03 -8.17 27.92
N TYR A 286 5.09 -7.65 27.10
CA TYR A 286 3.89 -6.97 27.52
C TYR A 286 2.75 -7.49 26.72
N ASP A 287 1.63 -7.59 27.39
CA ASP A 287 0.35 -7.77 26.76
C ASP A 287 -0.44 -6.51 26.55
N SER A 288 -0.84 -6.23 25.32
CA SER A 288 -1.47 -4.92 25.01
C SER A 288 -2.87 -4.78 25.61
N TYR A 289 -3.14 -3.68 26.34
CA TYR A 289 -4.49 -3.37 26.82
C TYR A 289 -5.13 -2.29 26.00
N MET A 290 -4.34 -1.53 25.21
CA MET A 290 -4.94 -0.57 24.35
C MET A 290 -4.02 -0.38 23.10
N ALA A 291 -4.66 -0.12 22.00
CA ALA A 291 -3.99 0.26 20.74
C ALA A 291 -4.77 1.32 20.03
N PHE A 292 -4.02 2.16 19.33
CA PHE A 292 -4.58 3.01 18.34
C PHE A 292 -3.70 3.00 17.05
N TYR A 293 -4.39 3.04 15.92
CA TYR A 293 -3.72 2.90 14.58
C TYR A 293 -4.66 3.34 13.51
C1 PHQ B 1 -0.53 1.48 33.98
C1 PHQ B 1 17.19 0.47 28.00
O1 PHQ B 1 -0.79 1.33 32.80
O1 PHQ B 1 18.16 -0.17 28.37
O2 PHQ B 1 -0.14 0.27 34.73
O2 PHQ B 1 16.64 1.42 28.93
C2 PHQ B 1 -0.62 -1.07 34.48
C2 PHQ B 1 17.26 2.68 29.21
C3 PHQ B 1 -1.50 -1.59 35.64
C3 PHQ B 1 17.14 3.00 30.69
C4 PHQ B 1 -2.65 -0.90 36.00
C4 PHQ B 1 16.83 1.97 31.61
C5 PHQ B 1 -3.47 -1.33 37.05
C5 PHQ B 1 16.71 2.27 32.96
C6 PHQ B 1 -3.20 -2.47 37.77
C6 PHQ B 1 16.91 3.58 33.40
C7 PHQ B 1 -2.04 -3.19 37.33
C7 PHQ B 1 17.23 4.60 32.49
C8 PHQ B 1 -1.20 -2.76 36.32
C8 PHQ B 1 17.34 4.31 31.15
N VAL B 2 0.10 2.55 34.39
N VAL B 2 16.14 -0.15 27.67
CA VAL B 2 0.51 3.71 33.54
CA VAL B 2 14.74 0.37 27.54
C VAL B 2 1.95 3.53 33.03
C VAL B 2 14.12 0.62 28.92
N ALA B 3 2.09 3.75 31.71
N ALA B 3 13.60 1.82 29.18
CA ALA B 3 3.30 3.33 31.02
CA ALA B 3 12.97 1.97 30.49
C ALA B 3 4.52 4.20 31.34
C ALA B 3 11.47 2.11 30.36
N ASP B 4 5.63 3.60 31.73
N ASP B 4 10.80 2.53 31.45
CA ASP B 4 6.88 4.40 31.75
CA ASP B 4 9.36 2.59 31.59
C ASP B 4 7.90 3.90 30.78
C ASP B 4 8.73 3.31 30.42
C1 CF0 B 5 7.24 3.03 29.75
C1 CF0 B 5 7.56 3.06 29.51
C1 GAL C . 13.61 5.83 -11.12
C2 GAL C . 13.27 4.77 -10.04
C3 GAL C . 13.00 3.41 -10.70
C4 GAL C . 11.94 3.46 -11.76
C5 GAL C . 12.22 4.67 -12.72
C6 GAL C . 11.18 4.91 -13.82
O1 GAL C . 13.54 7.10 -10.48
O2 GAL C . 14.52 4.68 -9.30
O3 GAL C . 12.69 2.43 -9.68
O4 GAL C . 10.67 3.72 -11.14
O5 GAL C . 12.45 5.91 -11.97
O6 GAL C . 10.01 5.56 -13.29
C1 FUC C . 14.45 4.24 -7.94
C2 FUC C . 15.88 4.31 -7.41
C3 FUC C . 16.32 5.79 -7.30
C4 FUC C . 15.29 6.56 -6.48
C5 FUC C . 13.91 6.45 -7.18
C6 FUC C . 12.84 7.20 -6.42
O2 FUC C . 16.71 3.59 -8.33
O3 FUC C . 17.57 5.72 -6.58
O4 FUC C . 15.19 6.17 -5.08
O5 FUC C . 13.49 5.07 -7.24
C1 GLA C . 12.52 1.09 -10.12
C2 GLA C . 12.29 0.22 -8.86
C3 GLA C . 13.59 -0.08 -8.12
C4 GLA C . 14.71 -0.55 -9.07
C5 GLA C . 14.89 0.53 -10.15
C6 GLA C . 15.88 0.26 -11.20
O2 GLA C . 11.34 0.72 -7.93
O3 GLA C . 13.38 -1.05 -7.03
O4 GLA C . 14.31 -1.78 -9.69
O5 GLA C . 13.60 0.64 -10.88
O6 GLA C . 15.95 1.33 -12.19
C1 GLA D . -9.33 14.22 -23.02
C2 GLA D . -9.95 14.36 -21.66
C3 GLA D . -8.86 14.43 -20.59
C4 GLA D . -7.88 13.19 -20.74
C5 GLA D . -7.25 13.30 -22.14
C6 GLA D . -6.22 12.19 -22.50
O1 GLA D . -8.61 15.42 -23.33
O2 GLA D . -10.78 15.53 -21.60
O3 GLA D . -9.55 14.50 -19.33
O4 GLA D . -8.62 11.94 -20.40
O5 GLA D . -8.35 13.18 -22.99
O6 GLA D . -6.94 10.93 -22.66
C1 FUC D . -12.14 15.32 -21.17
C2 FUC D . -12.77 16.74 -20.97
C3 FUC D . -12.86 17.41 -22.36
C4 FUC D . -13.63 16.52 -23.29
C5 FUC D . -12.87 15.20 -23.43
C6 FUC D . -13.65 14.22 -24.28
O2 FUC D . -11.92 17.64 -20.21
O3 FUC D . -13.57 18.60 -22.22
O4 FUC D . -14.92 16.25 -22.76
O5 FUC D . -12.83 14.59 -22.16
C1 GLA D . -8.77 14.71 -18.16
C2 GLA D . -9.66 15.01 -17.01
C3 GLA D . -10.41 16.36 -17.22
C4 GLA D . -9.44 17.48 -17.42
C5 GLA D . -8.52 17.08 -18.57
C6 GLA D . -7.42 18.08 -18.81
O2 GLA D . -10.64 13.98 -16.85
O3 GLA D . -11.26 16.56 -16.10
O4 GLA D . -8.69 17.73 -16.23
O5 GLA D . -7.89 15.84 -18.28
O6 GLA D . -6.66 17.70 -19.96
C1 GLA E . 1.46 -10.02 -29.73
C2 GLA E . 0.09 -10.58 -29.26
C3 GLA E . -1.03 -9.49 -29.30
C4 GLA E . -0.58 -8.26 -28.50
C5 GLA E . 0.81 -7.83 -29.07
C6 GLA E . 1.39 -6.59 -28.34
O1 GLA E . 1.23 -9.72 -31.13
O2 GLA E . -0.29 -11.72 -30.10
O3 GLA E . -2.24 -10.14 -28.87
O4 GLA E . -0.39 -8.67 -27.11
O5 GLA E . 1.78 -8.86 -29.00
O6 GLA E . 1.97 -6.96 -27.11
C1 FUC E . -0.34 -12.94 -29.36
C2 FUC E . -1.00 -13.91 -30.33
C3 FUC E . -0.22 -14.09 -31.63
C4 FUC E . 1.15 -14.54 -31.25
C5 FUC E . 1.77 -13.55 -30.24
C6 FUC E . 3.27 -13.78 -30.02
O2 FUC E . -2.29 -13.57 -30.71
O3 FUC E . -0.74 -15.18 -32.40
O4 FUC E . 1.07 -15.83 -30.74
O5 FUC E . 0.95 -13.42 -29.04
C1 GLA E . -3.37 -9.30 -28.85
C2 GLA E . -4.65 -10.06 -28.48
C3 GLA E . -4.91 -11.09 -29.60
C4 GLA E . -5.16 -10.38 -30.92
C5 GLA E . -3.82 -9.56 -31.18
C6 GLA E . -3.87 -8.64 -32.41
O2 GLA E . -4.38 -10.70 -27.22
O3 GLA E . -6.17 -11.73 -29.23
O4 GLA E . -6.20 -9.40 -30.79
O5 GLA E . -3.52 -8.72 -30.09
O6 GLA E . -2.63 -7.84 -32.64
C1 EDO F . 13.39 14.69 22.92
O1 EDO F . 14.44 13.86 22.48
C2 EDO F . 12.72 15.28 21.76
O2 EDO F . 13.54 16.26 21.05
C1 EDO G . 11.54 13.07 18.32
O1 EDO G . 11.07 14.35 18.03
C2 EDO G . 13.04 13.14 18.44
O2 EDO G . 13.56 13.89 17.34
C1 EDO H . -15.57 -2.27 -8.31
O1 EDO H . -16.15 -3.19 -7.28
C2 EDO H . -16.47 -1.10 -8.72
O2 EDO H . -17.78 -1.17 -8.13
S DMS I . 22.86 5.01 9.06
O DMS I . 21.39 4.60 8.87
C1 DMS I . 23.41 5.75 7.63
C2 DMS I . 22.80 6.35 10.18
S DMS J . -5.67 15.49 -25.70
O DMS J . -7.11 15.13 -25.57
C1 DMS J . -5.39 15.84 -27.38
C2 DMS J . -5.24 16.94 -24.86
CL CL K . 11.96 -9.07 -23.53
CL CL L . -5.57 -18.45 -25.37
CL CL M . -8.81 8.06 -3.58
CA CA N . 5.52 10.96 29.16
CA CA O . 4.67 7.72 31.22
NA NA P . 17.86 4.54 22.49
#